data_4CA1
#
_entry.id   4CA1
#
_cell.length_a   76.060
_cell.length_b   104.120
_cell.length_c   133.590
_cell.angle_alpha   90.00
_cell.angle_beta   90.00
_cell.angle_gamma   90.00
#
_symmetry.space_group_name_H-M   'I 2 2 2'
#
loop_
_entity.id
_entity.type
_entity.pdbx_description
1 polymer 'E3 UBIQUITIN-PROTEIN LIGASE SIAH1'
2 non-polymer 'ZINC ION'
3 non-polymer 'SULFATE ION'
4 non-polymer 'CHLORIDE ION'
5 non-polymer GLYCEROL
6 water water
#
_entity_poly.entity_id   1
_entity_poly.type   'polypeptide(L)'
_entity_poly.pdbx_seq_one_letter_code
;GHMANSVLFPCKYASSGCEITLPHTEKADHEELCEFRPYSCPCPGASCKWQGSLDAVMPHLMHQHKSITTLQGEDIVFLA
TDINLPGAVDWVMMQSCFGFHFMLVLEKQEKYDGHQQFFAIVQLIGTRKQAENFAYRLELNGHRRRLTWEATPRSIHEGI
ATAIMNSDCLVFDTSIAQLFAENGNLGINVTISMC
;
_entity_poly.pdbx_strand_id   A,B
#
loop_
_chem_comp.id
_chem_comp.type
_chem_comp.name
_chem_comp.formula
CL non-polymer 'CHLORIDE ION' 'Cl -1'
GOL non-polymer GLYCEROL 'C3 H8 O3'
SO4 non-polymer 'SULFATE ION' 'O4 S -2'
ZN non-polymer 'ZINC ION' 'Zn 2'
#
# COMPACT_ATOMS: atom_id res chain seq x y z
N ALA A 4 49.37 8.34 -38.21
CA ALA A 4 48.53 9.47 -38.68
C ALA A 4 47.32 9.76 -37.68
N ASN A 5 46.11 9.34 -38.10
CA ASN A 5 44.85 9.62 -37.34
C ASN A 5 44.77 8.84 -36.00
N SER A 6 44.06 9.37 -35.02
CA SER A 6 43.90 8.59 -33.81
C SER A 6 42.79 7.53 -34.03
N VAL A 7 42.82 6.52 -33.15
CA VAL A 7 41.80 5.45 -33.09
C VAL A 7 40.38 6.00 -32.84
N LEU A 8 39.42 5.65 -33.73
CA LEU A 8 38.00 6.01 -33.62
C LEU A 8 37.19 4.82 -33.09
N PHE A 9 36.11 5.09 -32.35
CA PHE A 9 35.17 4.06 -31.82
C PHE A 9 33.82 4.06 -32.58
N PRO A 10 33.29 2.87 -32.93
CA PRO A 10 31.90 2.85 -33.43
C PRO A 10 30.89 3.22 -32.33
N CYS A 11 29.83 3.92 -32.71
CA CYS A 11 28.68 4.10 -31.84
C CYS A 11 28.11 2.73 -31.42
N LYS A 12 27.76 2.59 -30.13
CA LYS A 12 27.16 1.32 -29.60
C LYS A 12 25.88 0.92 -30.37
N TYR A 13 25.30 1.84 -31.15
CA TYR A 13 24.11 1.51 -31.98
C TYR A 13 24.41 1.32 -33.43
N ALA A 14 25.67 1.04 -33.71
CA ALA A 14 26.08 0.61 -35.05
C ALA A 14 25.25 -0.57 -35.63
N SER A 15 24.91 -1.56 -34.80
CA SER A 15 24.15 -2.74 -35.25
C SER A 15 22.69 -2.40 -35.65
N SER A 16 22.26 -1.20 -35.26
CA SER A 16 20.92 -0.66 -35.59
C SER A 16 20.99 0.27 -36.80
N GLY A 17 22.19 0.39 -37.39
CA GLY A 17 22.46 1.15 -38.62
C GLY A 17 23.30 2.42 -38.42
N CYS A 18 23.77 2.68 -37.18
CA CYS A 18 24.53 3.92 -36.89
C CYS A 18 25.97 3.86 -37.40
N GLU A 19 26.25 4.66 -38.43
CA GLU A 19 27.50 4.63 -39.18
C GLU A 19 28.58 5.47 -38.53
N ILE A 20 28.24 6.24 -37.51
CA ILE A 20 29.24 7.21 -37.07
C ILE A 20 30.41 6.68 -36.16
N THR A 21 31.66 7.19 -36.34
CA THR A 21 32.78 6.72 -35.57
C THR A 21 33.34 7.99 -34.96
N LEU A 22 33.72 7.87 -33.70
N LEU A 22 33.70 7.94 -33.70
CA LEU A 22 34.03 9.03 -32.84
CA LEU A 22 34.12 9.15 -33.01
C LEU A 22 35.24 8.86 -31.90
C LEU A 22 35.25 8.91 -32.01
N PRO A 23 35.86 10.00 -31.51
CA PRO A 23 36.88 9.85 -30.47
C PRO A 23 36.18 9.39 -29.21
N HIS A 24 36.92 8.77 -28.30
CA HIS A 24 36.31 8.31 -27.05
C HIS A 24 35.59 9.41 -26.23
N THR A 25 36.18 10.61 -26.11
CA THR A 25 35.53 11.69 -25.30
C THR A 25 34.17 12.06 -25.82
N GLU A 26 33.94 11.86 -27.13
CA GLU A 26 32.65 12.28 -27.73
C GLU A 26 31.57 11.18 -27.78
N LYS A 27 32.00 9.96 -27.43
CA LYS A 27 31.20 8.76 -27.70
C LYS A 27 29.92 8.74 -26.89
N ALA A 28 30.00 8.93 -25.55
CA ALA A 28 28.78 8.94 -24.66
C ALA A 28 27.78 10.03 -25.06
N ASP A 29 28.28 11.24 -25.37
CA ASP A 29 27.46 12.40 -25.77
C ASP A 29 26.61 12.05 -26.99
N HIS A 30 27.30 11.47 -27.99
CA HIS A 30 26.64 11.02 -29.22
C HIS A 30 25.60 9.93 -29.00
N GLU A 31 25.95 8.92 -28.24
CA GLU A 31 25.03 7.77 -28.04
C GLU A 31 23.78 8.19 -27.29
N GLU A 32 23.93 9.18 -26.41
CA GLU A 32 22.80 9.77 -25.69
C GLU A 32 21.76 10.36 -26.61
N LEU A 33 22.23 10.91 -27.74
CA LEU A 33 21.34 11.62 -28.66
C LEU A 33 21.07 10.80 -29.96
N CYS A 34 21.70 9.63 -30.10
CA CYS A 34 21.67 8.88 -31.37
C CYS A 34 20.22 8.51 -31.73
N GLU A 35 19.67 9.00 -32.86
CA GLU A 35 18.35 8.56 -33.35
C GLU A 35 18.21 7.04 -33.70
N PHE A 36 19.35 6.32 -33.81
CA PHE A 36 19.35 4.85 -34.10
C PHE A 36 19.11 4.00 -32.89
N ARG A 37 19.15 4.60 -31.71
CA ARG A 37 18.99 3.80 -30.50
C ARG A 37 17.62 3.04 -30.48
N PRO A 38 17.64 1.70 -30.36
CA PRO A 38 16.39 0.96 -30.41
C PRO A 38 15.70 0.82 -29.03
N TYR A 39 14.39 0.85 -29.08
CA TYR A 39 13.59 0.59 -27.85
C TYR A 39 12.61 -0.54 -28.16
N SER A 40 12.43 -1.43 -27.22
CA SER A 40 11.36 -2.49 -27.38
C SER A 40 9.94 -1.97 -27.08
N CYS A 41 8.92 -2.61 -27.65
CA CYS A 41 7.53 -2.22 -27.40
C CYS A 41 7.26 -2.30 -25.91
N PRO A 42 6.73 -1.24 -25.33
CA PRO A 42 6.61 -1.24 -23.86
C PRO A 42 5.31 -1.88 -23.38
N CYS A 43 4.44 -2.34 -24.29
CA CYS A 43 3.16 -2.92 -23.86
CA CYS A 43 3.21 -3.06 -23.88
C CYS A 43 3.43 -4.33 -23.23
N PRO A 44 2.92 -4.53 -22.02
CA PRO A 44 3.12 -5.83 -21.35
C PRO A 44 2.25 -6.87 -22.02
N GLY A 45 2.71 -8.11 -22.02
CA GLY A 45 4.09 -8.48 -21.56
C GLY A 45 5.01 -9.16 -22.59
N ALA A 46 4.45 -10.13 -23.31
CA ALA A 46 5.24 -11.03 -24.20
C ALA A 46 4.95 -10.94 -25.73
N SER A 47 3.71 -10.58 -26.08
CA SER A 47 3.23 -10.68 -27.45
C SER A 47 4.18 -9.99 -28.48
N CYS A 48 4.44 -8.72 -28.22
CA CYS A 48 4.85 -7.83 -29.32
C CYS A 48 6.37 -7.76 -29.42
N LYS A 49 6.90 -8.02 -30.63
N LYS A 49 6.84 -7.93 -30.65
CA LYS A 49 8.35 -8.02 -30.80
CA LYS A 49 8.25 -8.08 -30.97
C LYS A 49 8.87 -6.79 -31.52
C LYS A 49 8.84 -6.81 -31.55
N TRP A 50 8.03 -5.77 -31.66
CA TRP A 50 8.46 -4.53 -32.29
C TRP A 50 9.63 -3.85 -31.54
N GLN A 51 10.55 -3.32 -32.33
CA GLN A 51 11.56 -2.42 -31.83
C GLN A 51 11.66 -1.20 -32.77
N GLY A 52 11.95 -0.03 -32.16
CA GLY A 52 12.08 1.19 -32.98
C GLY A 52 12.67 2.36 -32.17
N SER A 53 12.76 3.54 -32.76
CA SER A 53 13.30 4.69 -32.07
C SER A 53 12.37 5.16 -30.95
N LEU A 54 12.90 5.96 -30.00
CA LEU A 54 12.07 6.46 -28.92
C LEU A 54 10.87 7.26 -29.43
N ASP A 55 11.10 8.10 -30.43
CA ASP A 55 9.92 8.90 -31.01
C ASP A 55 8.92 8.04 -31.78
N ALA A 56 9.31 6.78 -32.08
CA ALA A 56 8.39 5.88 -32.77
C ALA A 56 7.54 5.07 -31.86
N VAL A 57 7.81 5.11 -30.55
CA VAL A 57 7.07 4.26 -29.61
C VAL A 57 5.61 4.66 -29.51
N MET A 58 5.32 5.94 -29.30
CA MET A 58 3.91 6.31 -29.16
C MET A 58 3.11 6.06 -30.45
N PRO A 59 3.67 6.38 -31.64
CA PRO A 59 2.97 5.96 -32.84
C PRO A 59 2.76 4.46 -32.97
N HIS A 60 3.77 3.71 -32.59
CA HIS A 60 3.61 2.23 -32.58
C HIS A 60 2.40 1.82 -31.72
N LEU A 61 2.25 2.42 -30.53
CA LEU A 61 1.16 2.04 -29.62
C LEU A 61 -0.12 2.45 -30.25
N MET A 62 -0.15 3.63 -30.86
CA MET A 62 -1.41 4.15 -31.44
C MET A 62 -1.86 3.30 -32.63
N HIS A 63 -0.90 2.76 -33.39
CA HIS A 63 -1.27 2.00 -34.59
C HIS A 63 -1.44 0.50 -34.40
N GLN A 64 -0.66 -0.11 -33.49
CA GLN A 64 -0.64 -1.55 -33.32
C GLN A 64 -1.31 -2.01 -32.04
N HIS A 65 -1.62 -1.09 -31.08
CA HIS A 65 -2.29 -1.48 -29.81
C HIS A 65 -3.48 -0.59 -29.56
N LYS A 66 -4.49 -0.75 -30.39
CA LYS A 66 -5.62 0.18 -30.39
C LYS A 66 -6.50 0.11 -29.18
N SER A 67 -6.43 -1.00 -28.44
CA SER A 67 -7.21 -1.16 -27.24
C SER A 67 -6.64 -0.31 -26.06
N ILE A 68 -5.44 0.25 -26.20
CA ILE A 68 -4.94 1.14 -25.15
C ILE A 68 -5.56 2.56 -25.33
N THR A 69 -6.25 3.02 -24.32
CA THR A 69 -6.70 4.48 -24.27
C THR A 69 -5.66 5.40 -23.76
N THR A 70 -5.72 6.65 -24.19
CA THR A 70 -4.85 7.66 -23.70
C THR A 70 -5.76 8.71 -23.10
N LEU A 71 -5.65 8.93 -21.79
N LEU A 71 -5.44 9.03 -21.85
CA LEU A 71 -6.29 10.07 -21.22
CA LEU A 71 -6.13 10.01 -21.07
C LEU A 71 -5.34 11.23 -21.33
C LEU A 71 -5.33 11.29 -20.87
N GLN A 72 -5.91 12.44 -21.15
CA GLN A 72 -5.14 13.67 -21.06
C GLN A 72 -5.35 14.23 -19.66
N GLY A 73 -4.25 14.72 -19.05
CA GLY A 73 -4.28 15.54 -17.80
C GLY A 73 -3.28 14.92 -16.86
N GLU A 74 -2.94 15.74 -15.88
CA GLU A 74 -2.00 15.26 -14.86
C GLU A 74 -2.72 14.49 -13.75
N ASP A 75 -4.04 14.56 -13.62
CA ASP A 75 -4.72 13.89 -12.51
C ASP A 75 -5.93 13.23 -13.11
N ILE A 76 -5.85 11.91 -13.20
CA ILE A 76 -6.92 11.14 -13.93
C ILE A 76 -7.40 9.98 -13.05
N VAL A 77 -8.48 9.31 -13.48
CA VAL A 77 -8.93 8.08 -12.88
C VAL A 77 -8.79 7.00 -13.94
N PHE A 78 -8.03 5.91 -13.62
N PHE A 78 -8.11 5.96 -13.62
CA PHE A 78 -7.70 4.60 -14.41
CA PHE A 78 -8.28 4.93 -14.51
C PHE A 78 -8.77 3.58 -13.98
C PHE A 78 -9.16 3.95 -13.87
N LEU A 79 -9.93 3.37 -14.72
CA LEU A 79 -10.91 2.40 -14.27
C LEU A 79 -10.57 1.04 -14.88
N ALA A 80 -10.08 0.13 -14.02
CA ALA A 80 -9.71 -1.23 -14.47
C ALA A 80 -11.00 -2.09 -14.34
N THR A 81 -11.61 -2.47 -15.49
CA THR A 81 -12.87 -3.14 -15.37
C THR A 81 -12.68 -4.65 -15.23
N ASP A 82 -13.65 -5.30 -14.55
CA ASP A 82 -13.72 -6.78 -14.48
C ASP A 82 -12.44 -7.33 -13.80
N ILE A 83 -12.12 -6.71 -12.67
CA ILE A 83 -10.86 -7.14 -11.98
C ILE A 83 -10.93 -8.57 -11.49
N ASN A 84 -12.16 -9.12 -11.35
CA ASN A 84 -12.33 -10.51 -10.91
C ASN A 84 -12.51 -11.57 -11.94
N LEU A 85 -12.51 -11.20 -13.20
CA LEU A 85 -12.70 -12.26 -14.18
C LEU A 85 -11.38 -13.03 -14.24
N PRO A 86 -11.48 -14.38 -14.42
CA PRO A 86 -10.37 -15.31 -14.18
C PRO A 86 -9.12 -15.15 -15.05
N GLY A 87 -7.98 -15.48 -14.43
CA GLY A 87 -6.68 -15.66 -15.09
C GLY A 87 -5.59 -14.70 -14.65
N ALA A 88 -4.50 -14.67 -15.45
CA ALA A 88 -3.52 -13.57 -15.50
C ALA A 88 -4.07 -12.50 -16.49
N VAL A 89 -4.10 -11.25 -16.07
CA VAL A 89 -4.75 -10.24 -16.86
C VAL A 89 -3.90 -8.90 -16.78
N ASP A 90 -3.91 -8.07 -17.80
CA ASP A 90 -3.17 -6.81 -17.81
CA ASP A 90 -3.23 -6.78 -17.73
C ASP A 90 -4.23 -5.71 -18.16
N TRP A 91 -4.04 -4.53 -17.61
CA TRP A 91 -4.81 -3.36 -18.01
C TRP A 91 -3.73 -2.36 -18.29
N VAL A 92 -3.85 -1.57 -19.36
CA VAL A 92 -2.83 -0.65 -19.77
CA VAL A 92 -2.81 -0.62 -19.73
C VAL A 92 -3.47 0.64 -20.26
N MET A 93 -2.93 1.77 -19.87
N MET A 93 -3.01 1.77 -19.80
CA MET A 93 -3.49 3.08 -20.26
CA MET A 93 -3.50 3.05 -20.35
C MET A 93 -2.39 4.04 -20.43
C MET A 93 -2.35 3.98 -20.49
N MET A 94 -2.48 4.96 -21.37
CA MET A 94 -1.47 6.02 -21.48
C MET A 94 -2.03 7.31 -20.89
N GLN A 95 -1.17 8.16 -20.33
CA GLN A 95 -1.60 9.43 -19.73
C GLN A 95 -0.72 10.49 -20.32
N SER A 96 -1.30 11.48 -20.98
N SER A 96 -1.37 11.57 -20.72
CA SER A 96 -0.50 12.61 -21.62
CA SER A 96 -0.67 12.64 -21.46
C SER A 96 -0.56 13.84 -20.71
C SER A 96 -0.60 13.95 -20.67
N CYS A 97 0.61 14.32 -20.31
CA CYS A 97 0.73 15.54 -19.48
C CYS A 97 2.21 15.97 -19.51
N PHE A 98 2.45 17.27 -19.25
CA PHE A 98 3.84 17.82 -19.19
C PHE A 98 4.61 17.56 -20.46
N GLY A 99 3.92 17.43 -21.58
CA GLY A 99 4.64 17.25 -22.88
C GLY A 99 5.13 15.82 -23.08
N PHE A 100 4.72 14.88 -22.20
CA PHE A 100 5.15 13.50 -22.31
C PHE A 100 3.97 12.56 -22.29
N HIS A 101 4.25 11.26 -22.51
CA HIS A 101 3.29 10.22 -22.35
C HIS A 101 3.78 9.21 -21.33
N PHE A 102 2.91 8.88 -20.39
CA PHE A 102 3.24 7.93 -19.31
C PHE A 102 2.37 6.71 -19.55
N MET A 103 2.89 5.55 -19.27
CA MET A 103 2.07 4.35 -19.40
C MET A 103 1.77 3.79 -18.00
N LEU A 104 0.49 3.61 -17.67
CA LEU A 104 0.03 3.07 -16.44
CA LEU A 104 0.09 2.97 -16.41
C LEU A 104 -0.23 1.54 -16.72
N VAL A 105 0.29 0.62 -15.91
CA VAL A 105 0.06 -0.79 -16.07
C VAL A 105 -0.48 -1.34 -14.83
N LEU A 106 -1.52 -2.14 -14.89
CA LEU A 106 -1.97 -2.96 -13.75
C LEU A 106 -1.88 -4.40 -14.16
N GLU A 107 -1.16 -5.25 -13.40
CA GLU A 107 -0.99 -6.61 -13.84
C GLU A 107 -1.50 -7.50 -12.79
N LYS A 108 -2.30 -8.48 -13.10
CA LYS A 108 -2.74 -9.48 -12.13
C LYS A 108 -1.98 -10.73 -12.37
N GLN A 109 -1.38 -11.25 -11.29
CA GLN A 109 -0.60 -12.49 -11.41
C GLN A 109 -1.26 -13.56 -10.55
N GLU A 110 -1.21 -14.81 -10.99
CA GLU A 110 -1.70 -15.89 -10.17
C GLU A 110 -0.53 -16.48 -9.35
N LYS A 111 -0.76 -16.70 -8.05
CA LYS A 111 0.24 -17.32 -7.15
C LYS A 111 -0.21 -18.64 -6.48
N HIS A 115 -4.07 -17.97 -5.29
CA HIS A 115 -4.68 -16.65 -5.06
C HIS A 115 -4.01 -15.66 -5.99
N GLN A 116 -4.49 -14.43 -6.09
CA GLN A 116 -4.01 -13.57 -7.11
C GLN A 116 -3.37 -12.35 -6.43
N GLN A 117 -2.38 -11.71 -7.08
CA GLN A 117 -2.03 -10.42 -6.61
C GLN A 117 -1.86 -9.49 -7.78
N PHE A 118 -1.97 -8.23 -7.45
CA PHE A 118 -1.98 -7.14 -8.41
C PHE A 118 -0.73 -6.27 -8.21
N PHE A 119 -0.19 -5.77 -9.28
CA PHE A 119 0.93 -4.89 -9.31
C PHE A 119 0.54 -3.70 -10.19
N ALA A 120 0.75 -2.49 -9.72
CA ALA A 120 0.42 -1.30 -10.55
C ALA A 120 1.65 -0.38 -10.56
N ILE A 121 1.98 0.15 -11.70
CA ILE A 121 3.24 0.88 -11.89
C ILE A 121 3.12 1.85 -13.05
N VAL A 122 3.93 2.85 -13.08
CA VAL A 122 3.91 3.83 -14.19
C VAL A 122 5.29 3.96 -14.79
N GLN A 123 5.35 4.00 -16.14
CA GLN A 123 6.64 4.22 -16.80
C GLN A 123 6.51 5.43 -17.75
N LEU A 124 7.57 6.17 -17.94
CA LEU A 124 7.57 7.25 -18.89
C LEU A 124 8.12 6.82 -20.23
N ILE A 125 7.45 7.26 -21.35
N ILE A 125 7.47 7.26 -21.32
CA ILE A 125 8.08 7.10 -22.70
CA ILE A 125 8.05 7.06 -22.64
C ILE A 125 9.14 8.21 -22.79
C ILE A 125 9.12 8.16 -22.80
N GLY A 126 10.33 7.93 -22.26
CA GLY A 126 11.34 8.96 -22.16
C GLY A 126 12.52 8.34 -21.43
N THR A 127 13.52 9.17 -21.18
CA THR A 127 14.78 8.69 -20.53
C THR A 127 14.71 8.64 -19.04
N ARG A 128 15.68 7.95 -18.42
CA ARG A 128 15.75 7.99 -16.97
C ARG A 128 15.93 9.42 -16.46
N LYS A 129 16.73 10.24 -17.15
CA LYS A 129 17.04 11.60 -16.66
C LYS A 129 15.70 12.39 -16.73
N GLN A 130 14.88 12.15 -17.76
CA GLN A 130 13.56 12.80 -17.78
C GLN A 130 12.60 12.28 -16.67
N ALA A 131 12.59 10.94 -16.46
CA ALA A 131 11.68 10.33 -15.51
C ALA A 131 11.96 10.85 -14.08
N GLU A 132 13.25 11.11 -13.78
CA GLU A 132 13.62 11.61 -12.43
C GLU A 132 13.06 13.00 -12.12
N ASN A 133 12.50 13.72 -13.12
CA ASN A 133 11.83 14.95 -12.81
C ASN A 133 10.37 14.81 -12.48
N PHE A 134 9.85 13.57 -12.42
CA PHE A 134 8.44 13.34 -12.10
C PHE A 134 8.26 12.43 -10.93
N ALA A 135 7.12 12.58 -10.30
CA ALA A 135 6.62 11.61 -9.33
C ALA A 135 5.26 11.17 -9.79
N TYR A 136 4.87 9.93 -9.52
CA TYR A 136 3.50 9.55 -9.74
C TYR A 136 2.88 9.01 -8.46
N ARG A 137 1.58 9.23 -8.29
CA ARG A 137 0.84 8.78 -7.12
C ARG A 137 -0.32 7.92 -7.62
N LEU A 138 -0.43 6.69 -7.13
CA LEU A 138 -1.56 5.82 -7.37
C LEU A 138 -2.36 5.74 -6.10
N GLU A 139 -3.66 6.00 -6.17
N GLU A 139 -3.67 5.91 -6.15
CA GLU A 139 -4.56 5.89 -5.01
CA GLU A 139 -4.48 6.00 -4.92
C GLU A 139 -5.65 4.91 -5.28
C GLU A 139 -5.77 5.20 -5.10
N LEU A 140 -5.98 4.13 -4.27
CA LEU A 140 -7.25 3.38 -4.22
C LEU A 140 -8.08 4.01 -3.14
N ASN A 141 -9.32 4.34 -3.47
CA ASN A 141 -10.23 4.98 -2.50
C ASN A 141 -11.45 4.16 -2.26
N GLY A 142 -11.83 4.03 -1.00
CA GLY A 142 -13.01 3.24 -0.63
C GLY A 142 -13.66 3.91 0.53
N HIS A 143 -14.68 3.28 1.08
CA HIS A 143 -15.37 3.96 2.21
CA HIS A 143 -15.43 3.79 2.24
C HIS A 143 -14.47 3.97 3.43
N ARG A 144 -14.08 5.19 3.80
CA ARG A 144 -13.22 5.42 4.97
C ARG A 144 -11.89 4.66 4.85
N ARG A 145 -11.41 4.45 3.60
CA ARG A 145 -10.13 3.75 3.38
C ARG A 145 -9.43 4.36 2.21
N ARG A 146 -8.11 4.45 2.30
CA ARG A 146 -7.30 4.91 1.16
C ARG A 146 -5.95 4.27 1.20
N LEU A 147 -5.52 3.72 0.07
CA LEU A 147 -4.16 3.13 -0.04
C LEU A 147 -3.46 3.91 -1.13
N THR A 148 -2.26 4.42 -0.83
CA THR A 148 -1.54 5.29 -1.79
C THR A 148 -0.12 4.83 -1.97
N TRP A 149 0.37 4.82 -3.23
CA TRP A 149 1.79 4.54 -3.55
C TRP A 149 2.33 5.69 -4.29
N GLU A 150 3.52 6.15 -3.98
CA GLU A 150 4.14 7.25 -4.74
C GLU A 150 5.54 6.87 -5.03
N ALA A 151 6.00 7.15 -6.25
CA ALA A 151 7.37 6.77 -6.65
C ALA A 151 7.78 7.56 -7.91
N THR A 152 8.98 7.34 -8.37
CA THR A 152 9.47 7.90 -9.62
C THR A 152 9.08 6.94 -10.75
N PRO A 153 8.49 7.47 -11.85
CA PRO A 153 8.21 6.53 -12.95
C PRO A 153 9.48 5.84 -13.48
N ARG A 154 9.31 4.59 -13.87
CA ARG A 154 10.38 3.90 -14.56
C ARG A 154 10.55 4.45 -15.97
N SER A 155 11.72 4.41 -16.55
N SER A 155 11.73 4.39 -16.53
CA SER A 155 11.87 4.79 -17.96
CA SER A 155 11.89 4.82 -17.90
C SER A 155 11.55 3.56 -18.83
C SER A 155 11.62 3.63 -18.79
N ILE A 156 11.11 3.75 -20.07
N ILE A 156 11.31 3.92 -20.06
CA ILE A 156 10.84 2.53 -20.86
CA ILE A 156 10.95 2.85 -20.96
C ILE A 156 12.08 1.68 -21.08
C ILE A 156 12.04 1.81 -21.16
N HIS A 157 13.29 2.29 -21.17
CA HIS A 157 14.48 1.40 -21.34
C HIS A 157 14.61 0.46 -20.12
N GLU A 158 14.41 1.01 -18.91
CA GLU A 158 14.47 0.15 -17.72
C GLU A 158 13.36 -0.89 -17.69
N GLY A 159 12.20 -0.49 -18.25
CA GLY A 159 11.03 -1.31 -18.20
C GLY A 159 10.45 -1.45 -16.82
N ILE A 160 9.43 -2.29 -16.72
CA ILE A 160 8.70 -2.45 -15.49
C ILE A 160 8.80 -3.87 -14.94
N ALA A 161 9.30 -4.83 -15.72
CA ALA A 161 9.33 -6.19 -15.22
C ALA A 161 10.22 -6.37 -14.02
N THR A 162 11.39 -5.72 -14.04
CA THR A 162 12.29 -5.83 -12.90
C THR A 162 11.70 -5.24 -11.64
N ALA A 163 11.14 -4.05 -11.77
CA ALA A 163 10.48 -3.43 -10.61
C ALA A 163 9.33 -4.31 -10.08
N ILE A 164 8.49 -4.90 -10.98
CA ILE A 164 7.43 -5.76 -10.49
C ILE A 164 8.00 -6.99 -9.76
N MET A 165 9.10 -7.59 -10.31
CA MET A 165 9.73 -8.73 -9.62
C MET A 165 10.19 -8.31 -8.20
N ASN A 166 10.63 -7.08 -8.09
CA ASN A 166 11.10 -6.55 -6.79
C ASN A 166 10.03 -6.00 -5.85
N SER A 167 8.77 -6.03 -6.30
CA SER A 167 7.66 -5.39 -5.54
C SER A 167 7.87 -3.90 -5.38
N ASP A 168 8.60 -3.29 -6.33
CA ASP A 168 8.89 -1.84 -6.21
C ASP A 168 7.78 -1.07 -7.02
N CYS A 169 6.58 -1.14 -6.47
CA CYS A 169 5.40 -0.62 -7.13
C CYS A 169 4.24 -0.79 -6.16
N LEU A 170 3.04 -0.39 -6.53
CA LEU A 170 1.86 -0.68 -5.67
C LEU A 170 1.51 -2.14 -5.83
N VAL A 171 1.44 -2.85 -4.70
CA VAL A 171 1.18 -4.30 -4.68
C VAL A 171 0.03 -4.59 -3.75
N PHE A 172 -0.96 -5.32 -4.23
CA PHE A 172 -2.12 -5.62 -3.40
C PHE A 172 -2.78 -6.93 -3.82
N ASP A 173 -3.44 -7.59 -2.87
CA ASP A 173 -4.03 -8.90 -3.14
C ASP A 173 -5.51 -8.78 -3.57
N THR A 174 -6.12 -9.91 -3.88
N THR A 174 -6.14 -9.89 -3.93
CA THR A 174 -7.55 -9.96 -4.19
CA THR A 174 -7.51 -9.81 -4.37
C THR A 174 -8.43 -9.40 -3.09
C THR A 174 -8.38 -9.34 -3.23
N SER A 175 -8.08 -9.63 -1.81
N SER A 175 -7.97 -9.71 -2.01
CA SER A 175 -8.92 -9.10 -0.73
CA SER A 175 -8.74 -9.35 -0.84
C SER A 175 -8.92 -7.59 -0.74
C SER A 175 -8.90 -7.84 -0.78
N ILE A 176 -7.74 -7.02 -0.97
N ILE A 176 -7.83 -7.12 -1.03
CA ILE A 176 -7.63 -5.56 -1.09
CA ILE A 176 -7.97 -5.67 -0.96
C ILE A 176 -8.43 -5.03 -2.27
C ILE A 176 -8.49 -5.03 -2.27
N ALA A 177 -8.29 -5.66 -3.43
CA ALA A 177 -8.97 -5.23 -4.65
C ALA A 177 -10.46 -5.22 -4.35
N GLN A 178 -10.97 -6.24 -3.67
CA GLN A 178 -12.41 -6.28 -3.33
C GLN A 178 -12.87 -5.15 -2.40
N LEU A 179 -12.04 -4.75 -1.41
CA LEU A 179 -12.37 -3.62 -0.53
C LEU A 179 -12.60 -2.35 -1.29
N PHE A 180 -11.87 -2.18 -2.41
CA PHE A 180 -11.86 -0.94 -3.13
C PHE A 180 -12.74 -1.00 -4.38
N ALA A 181 -13.02 -2.17 -4.87
CA ALA A 181 -13.79 -2.28 -6.18
C ALA A 181 -15.26 -1.94 -6.01
N GLU A 182 -15.88 -1.56 -7.12
CA GLU A 182 -17.32 -1.36 -7.08
C GLU A 182 -17.87 -1.92 -8.39
N ASN A 183 -18.88 -2.78 -8.28
CA ASN A 183 -19.51 -3.40 -9.49
C ASN A 183 -18.46 -4.12 -10.31
N GLY A 184 -17.44 -4.66 -9.65
CA GLY A 184 -16.49 -5.50 -10.34
C GLY A 184 -15.31 -4.73 -10.97
N ASN A 185 -15.24 -3.40 -10.76
CA ASN A 185 -14.24 -2.54 -11.39
C ASN A 185 -13.44 -1.84 -10.32
N LEU A 186 -12.17 -1.57 -10.58
CA LEU A 186 -11.35 -0.91 -9.54
C LEU A 186 -10.88 0.46 -10.13
N GLY A 187 -11.21 1.56 -9.46
CA GLY A 187 -10.73 2.88 -9.85
C GLY A 187 -9.38 3.14 -9.25
N ILE A 188 -8.44 3.56 -10.05
CA ILE A 188 -7.15 3.94 -9.52
C ILE A 188 -6.96 5.42 -9.87
N ASN A 189 -6.82 6.29 -8.87
N ASN A 189 -6.78 6.31 -8.88
CA ASN A 189 -6.53 7.68 -9.17
CA ASN A 189 -6.51 7.74 -9.17
C ASN A 189 -5.03 7.73 -9.52
C ASN A 189 -5.05 7.97 -9.40
N VAL A 190 -4.64 8.43 -10.60
CA VAL A 190 -3.24 8.54 -10.98
C VAL A 190 -2.93 10.05 -11.08
N THR A 191 -1.96 10.52 -10.29
CA THR A 191 -1.56 11.93 -10.35
C THR A 191 -0.11 11.97 -10.68
N ILE A 192 0.25 12.63 -11.78
N ILE A 192 0.24 12.65 -11.75
CA ILE A 192 1.67 12.84 -12.18
CA ILE A 192 1.65 12.85 -12.08
C ILE A 192 2.01 14.27 -11.74
C ILE A 192 2.02 14.29 -11.75
N SER A 193 3.16 14.44 -11.08
N SER A 193 3.20 14.47 -11.15
CA SER A 193 3.59 15.80 -10.69
CA SER A 193 3.63 15.77 -10.66
C SER A 193 5.06 15.97 -11.00
C SER A 193 5.09 15.97 -11.00
N MET A 194 5.50 17.22 -11.06
CA MET A 194 6.90 17.49 -11.26
CA MET A 194 6.89 17.49 -11.26
C MET A 194 7.55 17.58 -9.90
N CYS A 195 8.80 17.20 -9.91
CA CYS A 195 9.64 17.26 -8.70
C CYS A 195 11.08 17.55 -9.11
N ALA B 4 -46.59 -7.14 33.47
CA ALA B 4 -47.15 -7.57 34.78
C ALA B 4 -46.35 -8.75 35.41
N ASN B 5 -46.95 -9.95 35.29
CA ASN B 5 -46.23 -11.21 35.58
C ASN B 5 -45.18 -11.36 34.52
N SER B 6 -44.02 -11.90 34.90
CA SER B 6 -42.87 -11.77 34.04
C SER B 6 -41.81 -12.82 34.35
N VAL B 7 -41.09 -13.21 33.32
CA VAL B 7 -40.03 -14.21 33.45
C VAL B 7 -38.77 -13.38 33.30
N LEU B 8 -37.89 -13.48 34.31
CA LEU B 8 -36.70 -12.63 34.27
C LEU B 8 -35.44 -13.45 33.87
N PHE B 9 -34.57 -12.76 33.17
CA PHE B 9 -33.34 -13.35 32.66
C PHE B 9 -32.14 -12.58 33.16
N PRO B 10 -31.00 -13.28 33.35
CA PRO B 10 -29.80 -12.57 33.79
C PRO B 10 -29.18 -11.86 32.59
N CYS B 11 -28.51 -10.77 32.88
CA CYS B 11 -27.71 -10.10 31.87
C CYS B 11 -26.65 -11.09 31.31
N LYS B 12 -26.31 -10.98 30.05
CA LYS B 12 -25.27 -11.90 29.53
C LYS B 12 -23.86 -11.75 30.19
N TYR B 13 -23.62 -10.64 30.88
CA TYR B 13 -22.35 -10.45 31.60
C TYR B 13 -22.42 -10.83 33.09
N ALA B 14 -23.41 -11.64 33.48
CA ALA B 14 -23.50 -12.05 34.87
C ALA B 14 -22.20 -12.72 35.37
N SER B 15 -21.55 -13.47 34.48
N SER B 15 -21.55 -13.49 34.51
CA SER B 15 -20.33 -14.21 34.79
CA SER B 15 -20.35 -14.21 34.91
C SER B 15 -19.18 -13.26 35.08
C SER B 15 -19.12 -13.29 34.98
N SER B 16 -19.29 -12.03 34.57
CA SER B 16 -18.30 -10.99 34.82
C SER B 16 -18.74 -10.09 35.97
N GLY B 17 -19.83 -10.43 36.66
CA GLY B 17 -20.25 -9.67 37.89
C GLY B 17 -21.59 -8.95 37.87
N CYS B 18 -22.23 -8.91 36.70
CA CYS B 18 -23.51 -8.20 36.57
C CYS B 18 -24.63 -8.99 37.23
N GLU B 19 -25.32 -8.32 38.15
CA GLU B 19 -26.40 -8.94 38.90
C GLU B 19 -27.81 -8.54 38.45
N ILE B 20 -27.92 -7.79 37.33
CA ILE B 20 -29.21 -7.38 36.83
C ILE B 20 -29.95 -8.59 36.26
N THR B 21 -31.25 -8.67 36.54
CA THR B 21 -32.14 -9.65 35.91
C THR B 21 -33.36 -8.88 35.36
N LEU B 22 -33.78 -9.22 34.16
CA LEU B 22 -34.79 -8.38 33.56
C LEU B 22 -35.61 -9.16 32.56
N PRO B 23 -36.80 -8.62 32.20
CA PRO B 23 -37.61 -9.33 31.21
C PRO B 23 -36.86 -9.32 29.91
N HIS B 24 -37.15 -10.31 29.08
CA HIS B 24 -36.39 -10.54 27.88
C HIS B 24 -36.40 -9.34 26.93
N THR B 25 -37.54 -8.66 26.84
CA THR B 25 -37.66 -7.50 25.97
C THR B 25 -36.67 -6.38 26.32
N GLU B 26 -36.27 -6.27 27.58
CA GLU B 26 -35.32 -5.19 27.90
C GLU B 26 -33.84 -5.58 28.09
N LYS B 27 -33.60 -6.88 27.90
CA LYS B 27 -32.28 -7.48 28.04
C LYS B 27 -31.27 -6.86 27.07
N ALA B 28 -31.60 -6.78 25.78
CA ALA B 28 -30.70 -6.19 24.78
C ALA B 28 -30.32 -4.73 25.09
N ASP B 29 -31.33 -3.95 25.53
CA ASP B 29 -31.17 -2.51 25.85
C ASP B 29 -30.17 -2.37 27.01
N HIS B 30 -30.28 -3.23 28.02
CA HIS B 30 -29.32 -3.21 29.14
C HIS B 30 -27.93 -3.60 28.72
N GLU B 31 -27.82 -4.68 27.95
CA GLU B 31 -26.55 -5.28 27.67
C GLU B 31 -25.67 -4.38 26.79
N GLU B 32 -26.32 -3.58 25.95
CA GLU B 32 -25.59 -2.65 25.09
C GLU B 32 -24.85 -1.57 25.90
N LEU B 33 -25.39 -1.18 27.05
CA LEU B 33 -24.69 -0.18 27.91
C LEU B 33 -24.10 -0.77 29.20
N CYS B 34 -24.19 -2.08 29.40
CA CYS B 34 -23.65 -2.70 30.60
C CYS B 34 -22.13 -2.62 30.76
N GLU B 35 -21.72 -2.17 31.92
CA GLU B 35 -20.31 -1.86 32.19
C GLU B 35 -19.49 -3.11 32.52
N PHE B 36 -20.18 -4.25 32.71
CA PHE B 36 -19.49 -5.50 33.01
C PHE B 36 -19.03 -6.26 31.79
N ARG B 37 -19.38 -5.75 30.60
N ARG B 37 -19.38 -5.75 30.60
CA ARG B 37 -18.97 -6.40 29.36
CA ARG B 37 -18.89 -6.22 29.31
C ARG B 37 -17.45 -6.63 29.35
C ARG B 37 -17.39 -6.59 29.36
N PRO B 38 -17.03 -7.88 29.17
CA PRO B 38 -15.60 -8.14 29.17
C PRO B 38 -14.94 -7.86 27.80
N TYR B 39 -13.68 -7.46 27.87
CA TYR B 39 -12.81 -7.30 26.68
C TYR B 39 -11.61 -8.22 26.85
N SER B 40 -11.20 -8.89 25.80
CA SER B 40 -9.94 -9.64 25.76
C SER B 40 -8.74 -8.69 25.76
N CYS B 41 -7.62 -9.13 26.35
CA CYS B 41 -6.34 -8.42 26.27
C CYS B 41 -6.06 -8.16 24.81
N PRO B 42 -5.83 -6.88 24.46
CA PRO B 42 -5.69 -6.56 23.02
C PRO B 42 -4.29 -6.74 22.47
N CYS B 43 -3.33 -7.10 23.31
N CYS B 43 -3.38 -7.16 23.32
CA CYS B 43 -1.91 -7.24 22.88
CA CYS B 43 -2.06 -7.50 22.85
C CYS B 43 -1.65 -8.55 22.08
C CYS B 43 -2.10 -8.57 21.77
N PRO B 44 -1.16 -8.44 20.82
CA PRO B 44 -0.99 -9.60 19.90
C PRO B 44 0.11 -10.57 20.41
N GLY B 45 0.17 -11.84 19.98
CA GLY B 45 -0.84 -12.57 19.19
C GLY B 45 -1.76 -13.35 20.14
N ALA B 46 -1.22 -14.39 20.78
CA ALA B 46 -2.06 -15.46 21.33
C ALA B 46 -1.87 -15.85 22.82
N SER B 47 -0.91 -15.21 23.51
CA SER B 47 -0.42 -15.74 24.79
C SER B 47 -1.08 -15.18 26.06
N CYS B 48 -1.67 -14.00 26.01
CA CYS B 48 -2.28 -13.50 27.24
C CYS B 48 -3.77 -13.79 27.26
N LYS B 49 -4.26 -14.39 28.33
CA LYS B 49 -5.64 -14.82 28.34
C LYS B 49 -6.51 -13.89 29.15
N TRP B 50 -5.91 -12.83 29.67
CA TRP B 50 -6.68 -11.91 30.49
C TRP B 50 -7.96 -11.42 29.78
N GLN B 51 -8.99 -11.21 30.59
CA GLN B 51 -10.17 -10.54 30.12
C GLN B 51 -10.64 -9.60 31.20
N GLY B 52 -11.26 -8.48 30.84
CA GLY B 52 -11.73 -7.54 31.85
C GLY B 52 -12.62 -6.44 31.28
N SER B 53 -13.11 -5.56 32.14
CA SER B 53 -13.98 -4.50 31.68
CA SER B 53 -13.99 -4.48 31.71
C SER B 53 -13.17 -3.42 30.97
N LEU B 54 -13.85 -2.53 30.23
CA LEU B 54 -13.10 -1.64 29.34
C LEU B 54 -12.15 -0.83 30.21
N ASP B 55 -12.60 -0.41 31.39
CA ASP B 55 -11.76 0.46 32.23
C ASP B 55 -10.58 -0.30 32.88
N ALA B 56 -10.56 -1.61 32.75
CA ALA B 56 -9.49 -2.45 33.30
C ALA B 56 -8.37 -2.67 32.22
N VAL B 57 -8.65 -2.28 30.95
CA VAL B 57 -7.71 -2.65 29.83
C VAL B 57 -6.39 -1.85 29.93
N MET B 58 -6.46 -0.52 30.06
CA MET B 58 -5.19 0.22 30.20
C MET B 58 -4.41 -0.20 31.46
N PRO B 59 -5.12 -0.46 32.63
CA PRO B 59 -4.33 -0.89 33.84
C PRO B 59 -3.68 -2.25 33.56
N HIS B 60 -4.40 -3.10 32.86
CA HIS B 60 -3.80 -4.38 32.48
C HIS B 60 -2.55 -4.22 31.62
N LEU B 61 -2.62 -3.39 30.60
CA LEU B 61 -1.46 -3.22 29.72
C LEU B 61 -0.31 -2.67 30.53
N MET B 62 -0.61 -1.76 31.46
CA MET B 62 0.46 -1.15 32.26
C MET B 62 0.99 -2.10 33.32
N HIS B 63 0.15 -2.95 33.88
CA HIS B 63 0.66 -3.92 34.89
C HIS B 63 1.39 -5.12 34.31
N GLN B 64 0.82 -5.68 33.24
CA GLN B 64 1.22 -6.97 32.72
C GLN B 64 2.00 -6.93 31.44
N HIS B 65 2.15 -5.77 30.79
CA HIS B 65 2.78 -5.73 29.46
C HIS B 65 3.74 -4.48 29.47
N LYS B 66 4.63 -4.44 30.47
CA LYS B 66 5.49 -3.26 30.79
C LYS B 66 6.47 -2.94 29.67
N SER B 67 6.76 -3.92 28.83
CA SER B 67 7.69 -3.65 27.77
C SER B 67 7.02 -2.91 26.56
N ILE B 68 5.71 -2.68 26.61
CA ILE B 68 5.04 -1.88 25.55
C ILE B 68 5.26 -0.43 25.96
N THR B 69 5.96 0.26 25.08
CA THR B 69 6.23 1.69 25.19
C THR B 69 5.08 2.55 24.58
N THR B 70 4.90 3.72 25.17
CA THR B 70 3.95 4.66 24.77
C THR B 70 4.64 5.89 24.33
N LEU B 71 4.15 6.51 23.28
CA LEU B 71 4.59 7.86 22.90
C LEU B 71 3.39 8.76 22.95
N GLN B 72 3.56 9.99 23.39
CA GLN B 72 2.44 10.96 23.49
CA GLN B 72 2.43 10.93 23.45
C GLN B 72 2.58 11.92 22.33
N GLY B 73 1.59 11.94 21.44
CA GLY B 73 1.66 12.85 20.33
C GLY B 73 0.65 12.37 19.30
N GLU B 74 0.21 13.28 18.46
CA GLU B 74 -0.69 12.96 17.34
C GLU B 74 0.11 12.42 16.15
N ASP B 75 1.42 12.74 16.02
CA ASP B 75 2.20 12.42 14.81
C ASP B 75 3.52 11.87 15.36
N ILE B 76 3.71 10.55 15.21
N ILE B 76 3.67 10.57 15.20
CA ILE B 76 4.88 9.87 15.80
CA ILE B 76 4.80 9.92 15.80
C ILE B 76 5.59 8.94 14.82
C ILE B 76 5.41 9.05 14.72
N VAL B 77 6.80 8.54 15.17
N VAL B 77 6.68 8.72 14.83
CA VAL B 77 7.47 7.50 14.41
CA VAL B 77 7.24 7.66 13.99
C VAL B 77 7.60 6.31 15.32
C VAL B 77 7.67 6.52 14.91
N PHE B 78 7.04 5.31 14.79
CA PHE B 78 7.03 3.89 15.44
CA PHE B 78 7.40 4.16 15.57
C PHE B 78 8.36 3.27 14.81
N LEU B 79 9.46 2.99 15.48
CA LEU B 79 10.58 2.36 14.87
C LEU B 79 10.52 0.88 15.30
N ALA B 80 10.24 0.01 14.33
CA ALA B 80 10.16 -1.43 14.59
C ALA B 80 11.57 -1.93 14.35
N THR B 81 12.23 -2.47 15.40
CA THR B 81 13.62 -2.91 15.16
C THR B 81 13.70 -4.31 14.65
N ASP B 82 14.75 -4.59 13.85
CA ASP B 82 15.08 -6.00 13.46
CA ASP B 82 15.10 -5.95 13.38
C ASP B 82 13.95 -6.58 12.64
N ILE B 83 13.50 -5.86 11.62
CA ILE B 83 12.33 -6.34 10.86
C ILE B 83 12.64 -7.56 10.00
N ASN B 84 13.93 -7.90 9.85
CA ASN B 84 14.26 -9.05 9.02
C ASN B 84 14.38 -10.31 9.84
N LEU B 85 14.00 -10.29 11.13
CA LEU B 85 13.91 -11.53 11.93
C LEU B 85 12.97 -12.53 11.28
N PRO B 86 13.42 -13.81 11.11
CA PRO B 86 12.51 -14.80 10.49
C PRO B 86 11.27 -15.14 11.32
N GLY B 87 10.25 -15.66 10.64
CA GLY B 87 9.10 -16.26 11.31
C GLY B 87 8.05 -15.25 11.67
N ALA B 88 7.18 -15.66 12.58
CA ALA B 88 6.05 -14.81 13.06
C ALA B 88 6.59 -13.82 14.09
N VAL B 89 6.32 -12.55 13.90
CA VAL B 89 6.92 -11.55 14.81
C VAL B 89 5.84 -10.46 15.01
N ASP B 90 5.72 -9.87 16.21
CA ASP B 90 4.86 -8.74 16.42
C ASP B 90 5.63 -7.60 17.10
N TRP B 91 5.29 -6.40 16.72
CA TRP B 91 5.76 -5.19 17.39
C TRP B 91 4.52 -4.42 17.81
N VAL B 92 4.57 -3.83 18.99
CA VAL B 92 3.41 -3.14 19.53
CA VAL B 92 3.41 -3.11 19.50
C VAL B 92 3.86 -1.86 20.22
N MET B 93 3.11 -0.80 20.07
N MET B 93 3.14 -0.77 19.96
CA MET B 93 3.34 0.26 21.02
CA MET B 93 3.39 0.51 20.63
C MET B 93 2.05 1.05 21.10
C MET B 93 2.04 1.13 21.01
N MET B 94 1.98 1.96 22.07
CA MET B 94 0.75 2.72 22.30
C MET B 94 1.04 4.17 21.96
N GLN B 95 0.01 4.85 21.44
CA GLN B 95 0.10 6.28 21.08
C GLN B 95 -1.00 6.98 21.86
N SER B 96 -0.59 8.02 22.60
CA SER B 96 -1.57 8.78 23.43
C SER B 96 -1.82 10.12 22.77
N CYS B 97 -3.11 10.37 22.48
CA CYS B 97 -3.51 11.69 21.95
C CYS B 97 -5.02 11.80 21.97
N PHE B 98 -5.50 13.05 21.98
CA PHE B 98 -6.95 13.35 22.00
C PHE B 98 -7.68 12.72 23.18
N GLY B 99 -6.96 12.42 24.28
CA GLY B 99 -7.62 11.82 25.46
C GLY B 99 -7.76 10.31 25.43
N PHE B 100 -7.21 9.68 24.36
CA PHE B 100 -7.34 8.23 24.20
C PHE B 100 -5.99 7.63 23.96
N HIS B 101 -6.02 6.29 24.11
CA HIS B 101 -4.83 5.51 23.77
C HIS B 101 -5.15 4.63 22.57
N PHE B 102 -4.21 4.58 21.63
CA PHE B 102 -4.34 3.78 20.43
C PHE B 102 -3.20 2.79 20.45
N MET B 103 -3.51 1.56 20.04
CA MET B 103 -2.49 0.52 19.90
C MET B 103 -2.09 0.35 18.49
N LEU B 104 -0.77 0.50 18.21
CA LEU B 104 -0.22 0.32 16.90
CA LEU B 104 -0.29 0.24 16.83
C LEU B 104 0.34 -1.09 16.88
N VAL B 105 -0.01 -1.89 15.87
CA VAL B 105 0.55 -3.23 15.78
C VAL B 105 1.17 -3.43 14.41
N LEU B 106 2.40 -3.97 14.37
CA LEU B 106 2.97 -4.48 13.12
C LEU B 106 3.12 -5.95 13.31
N GLU B 107 2.58 -6.76 12.41
CA GLU B 107 2.64 -8.24 12.54
C GLU B 107 3.30 -8.76 11.28
N LYS B 108 4.34 -9.55 11.46
CA LYS B 108 4.97 -10.28 10.35
C LYS B 108 4.46 -11.69 10.43
N GLN B 109 3.89 -12.15 9.32
CA GLN B 109 3.35 -13.48 9.30
C GLN B 109 4.17 -14.38 8.43
N GLU B 110 3.98 -15.67 8.54
CA GLU B 110 4.55 -16.63 7.45
C GLU B 110 3.55 -17.61 6.80
N ASP B 113 4.05 -20.33 3.13
CA ASP B 113 3.45 -20.33 1.77
C ASP B 113 4.34 -19.58 0.76
N GLY B 114 5.58 -19.27 1.14
CA GLY B 114 6.48 -18.61 0.20
C GLY B 114 6.09 -17.15 0.13
N HIS B 115 5.49 -16.66 1.15
CA HIS B 115 5.06 -15.27 1.28
C HIS B 115 5.10 -14.82 2.75
N GLN B 116 6.26 -14.34 3.23
CA GLN B 116 6.18 -13.47 4.45
C GLN B 116 5.60 -12.09 4.10
N GLN B 117 4.60 -11.70 4.87
N GLN B 117 4.54 -11.75 4.83
CA GLN B 117 4.01 -10.39 4.70
CA GLN B 117 3.93 -10.43 4.74
C GLN B 117 3.86 -9.72 6.06
C GLN B 117 4.04 -9.70 6.09
N PHE B 118 3.92 -8.39 6.02
CA PHE B 118 3.70 -7.52 7.19
C PHE B 118 2.33 -6.92 7.13
N PHE B 119 1.68 -6.79 8.27
CA PHE B 119 0.36 -6.17 8.39
C PHE B 119 0.48 -5.13 9.45
N ALA B 120 0.07 -3.91 9.17
CA ALA B 120 0.13 -2.86 10.20
C ALA B 120 -1.26 -2.25 10.35
N ILE B 121 -1.69 -2.03 11.59
CA ILE B 121 -3.05 -1.62 11.84
C ILE B 121 -3.08 -0.89 13.16
N VAL B 122 -4.10 -0.04 13.36
CA VAL B 122 -4.23 0.71 14.65
C VAL B 122 -5.60 0.41 15.26
N GLN B 123 -5.59 0.16 16.58
CA GLN B 123 -6.86 -0.07 17.29
C GLN B 123 -7.01 0.94 18.39
N LEU B 124 -8.25 1.41 18.59
CA LEU B 124 -8.49 2.33 19.71
C LEU B 124 -8.80 1.51 20.97
N ILE B 125 -8.26 1.93 22.11
CA ILE B 125 -8.68 1.33 23.44
C ILE B 125 -9.97 2.11 23.81
N GLY B 126 -11.07 1.66 23.20
CA GLY B 126 -12.33 2.36 23.34
C GLY B 126 -13.37 1.66 22.51
N THR B 127 -14.53 2.29 22.40
N THR B 127 -14.56 2.23 22.42
CA THR B 127 -15.61 1.64 21.69
CA THR B 127 -15.62 1.54 21.67
C THR B 127 -15.65 1.94 20.16
C THR B 127 -15.58 1.86 20.17
N ARG B 128 -16.41 1.16 19.40
CA ARG B 128 -16.60 1.47 17.95
C ARG B 128 -17.13 2.86 17.73
N LYS B 129 -18.05 3.30 18.62
CA LYS B 129 -18.62 4.61 18.47
C LYS B 129 -17.52 5.64 18.67
N GLN B 130 -16.64 5.39 19.63
CA GLN B 130 -15.55 6.34 19.85
C GLN B 130 -14.56 6.29 18.68
N ALA B 131 -14.31 5.12 18.15
CA ALA B 131 -13.29 4.97 17.12
C ALA B 131 -13.74 5.73 15.83
N GLU B 132 -15.06 5.81 15.60
CA GLU B 132 -15.60 6.47 14.41
C GLU B 132 -15.25 7.96 14.30
N ASN B 133 -14.86 8.57 15.42
CA ASN B 133 -14.47 9.96 15.39
C ASN B 133 -13.00 10.15 15.02
N PHE B 134 -12.29 9.06 14.75
CA PHE B 134 -10.82 9.14 14.47
C PHE B 134 -10.50 8.59 13.07
N ALA B 135 -9.39 9.10 12.54
CA ALA B 135 -8.76 8.54 11.34
C ALA B 135 -7.30 8.31 11.73
N TYR B 136 -6.69 7.31 11.10
CA TYR B 136 -5.22 7.15 11.26
C TYR B 136 -4.58 6.98 9.91
N ARG B 137 -3.34 7.44 9.83
CA ARG B 137 -2.53 7.33 8.59
CA ARG B 137 -2.54 7.33 8.61
C ARG B 137 -1.26 6.60 8.99
N LEU B 138 -0.91 5.53 8.25
CA LEU B 138 0.39 4.88 8.39
C LEU B 138 1.18 5.21 7.16
N GLU B 139 2.40 5.72 7.31
CA GLU B 139 3.18 6.05 6.10
C GLU B 139 4.55 5.39 6.27
N LEU B 140 4.98 4.69 5.19
CA LEU B 140 6.40 4.28 5.06
C LEU B 140 7.08 5.23 4.09
N ASN B 141 8.26 5.70 4.44
CA ASN B 141 9.03 6.62 3.64
C ASN B 141 10.39 6.08 3.30
N GLY B 142 10.72 6.12 2.00
CA GLY B 142 12.03 5.69 1.53
C GLY B 142 12.54 6.68 0.52
N HIS B 143 13.64 6.39 -0.11
CA HIS B 143 14.19 7.25 -1.12
C HIS B 143 13.24 7.31 -2.36
N ARG B 144 12.66 8.48 -2.56
CA ARG B 144 11.73 8.69 -3.68
C ARG B 144 10.61 7.65 -3.68
N ARG B 145 10.20 7.21 -2.49
CA ARG B 145 9.11 6.23 -2.39
CA ARG B 145 9.07 6.27 -2.42
C ARG B 145 8.26 6.53 -1.17
N ARG B 146 6.96 6.34 -1.26
CA ARG B 146 6.09 6.48 -0.05
C ARG B 146 4.91 5.56 -0.20
N LEU B 147 4.60 4.81 0.86
CA LEU B 147 3.42 3.89 0.84
C LEU B 147 2.55 4.34 2.02
N THR B 148 1.29 4.62 1.77
CA THR B 148 0.42 5.21 2.83
C THR B 148 -0.86 4.39 2.89
N TRP B 149 -1.37 4.15 4.11
CA TRP B 149 -2.67 3.58 4.35
C TRP B 149 -3.40 4.52 5.30
N GLU B 150 -4.68 4.77 5.03
CA GLU B 150 -5.52 5.56 5.92
C GLU B 150 -6.79 4.85 6.18
N ALA B 151 -7.29 4.86 7.40
CA ALA B 151 -8.51 4.13 7.71
C ALA B 151 -9.03 4.61 9.07
N THR B 152 -10.16 4.11 9.45
CA THR B 152 -10.70 4.30 10.82
C THR B 152 -10.08 3.23 11.74
N PRO B 153 -9.62 3.63 12.93
CA PRO B 153 -9.07 2.56 13.79
C PRO B 153 -10.12 1.50 14.15
N ARG B 154 -9.70 0.25 14.32
N ARG B 154 -9.67 0.26 14.33
CA ARG B 154 -10.64 -0.76 14.84
CA ARG B 154 -10.55 -0.77 14.89
C ARG B 154 -10.80 -0.57 16.35
C ARG B 154 -10.85 -0.42 16.34
N SER B 155 -11.98 -0.84 16.90
CA SER B 155 -12.12 -0.81 18.37
C SER B 155 -11.56 -2.11 18.93
N ILE B 156 -11.21 -2.08 20.21
CA ILE B 156 -10.71 -3.34 20.79
C ILE B 156 -11.75 -4.45 20.82
N HIS B 157 -13.06 -4.14 20.90
CA HIS B 157 -14.04 -5.22 20.84
C HIS B 157 -14.05 -5.97 19.51
N GLU B 158 -13.92 -5.25 18.42
CA GLU B 158 -13.77 -5.86 17.09
C GLU B 158 -12.44 -6.62 17.00
N GLY B 159 -11.41 -6.07 17.65
CA GLY B 159 -10.07 -6.61 17.52
C GLY B 159 -9.48 -6.35 16.12
N ILE B 160 -8.35 -6.98 15.85
CA ILE B 160 -7.63 -6.75 14.61
C ILE B 160 -7.43 -8.06 13.81
N ALA B 161 -7.75 -9.20 14.39
CA ALA B 161 -7.51 -10.47 13.69
C ALA B 161 -8.33 -10.57 12.42
N THR B 162 -9.59 -10.14 12.52
CA THR B 162 -10.49 -10.26 11.30
C THR B 162 -9.98 -9.30 10.26
N ALA B 163 -9.64 -8.08 10.66
CA ALA B 163 -9.12 -7.12 9.68
C ALA B 163 -7.88 -7.62 8.98
N ILE B 164 -6.95 -8.19 9.77
CA ILE B 164 -5.71 -8.75 9.19
C ILE B 164 -6.01 -9.93 8.23
N MET B 165 -6.96 -10.80 8.60
CA MET B 165 -7.37 -11.90 7.78
CA MET B 165 -7.30 -11.91 7.73
C MET B 165 -7.90 -11.40 6.43
N ASN B 166 -8.56 -10.23 6.47
CA ASN B 166 -9.18 -9.65 5.29
C ASN B 166 -8.32 -8.61 4.57
N SER B 167 -7.05 -8.45 4.99
CA SER B 167 -6.13 -7.42 4.43
C SER B 167 -6.72 -6.03 4.49
N ASP B 168 -7.55 -5.80 5.53
CA ASP B 168 -8.14 -4.47 5.75
C ASP B 168 -7.24 -3.63 6.68
N CYS B 169 -6.07 -3.33 6.16
CA CYS B 169 -4.98 -2.69 6.89
C CYS B 169 -3.88 -2.45 5.90
N LEU B 170 -2.75 -1.90 6.36
CA LEU B 170 -1.57 -1.77 5.51
C LEU B 170 -0.88 -3.14 5.36
N VAL B 171 -0.71 -3.61 4.13
CA VAL B 171 -0.14 -4.94 3.92
C VAL B 171 1.05 -4.77 2.96
N PHE B 172 2.20 -5.32 3.37
CA PHE B 172 3.39 -5.22 2.50
C PHE B 172 4.31 -6.39 2.71
N ASP B 173 4.97 -6.85 1.65
CA ASP B 173 5.83 -8.05 1.70
C ASP B 173 7.27 -7.70 2.15
N THR B 174 8.05 -8.72 2.37
CA THR B 174 9.43 -8.48 2.80
C THR B 174 10.33 -7.89 1.68
N SER B 175 9.85 -7.89 0.43
N SER B 175 9.90 -7.90 0.42
CA SER B 175 10.62 -7.29 -0.66
CA SER B 175 10.71 -7.20 -0.57
C SER B 175 10.41 -5.77 -0.66
C SER B 175 10.41 -5.71 -0.47
N ILE B 176 9.14 -5.35 -0.56
CA ILE B 176 8.90 -3.89 -0.57
CA ILE B 176 8.93 -3.93 -0.55
C ILE B 176 9.42 -3.33 0.80
N ALA B 177 9.44 -4.08 1.90
CA ALA B 177 9.95 -3.53 3.15
C ALA B 177 11.38 -3.03 2.96
N GLN B 178 12.20 -3.70 2.07
CA GLN B 178 13.61 -3.29 1.92
C GLN B 178 13.74 -1.89 1.34
N LEU B 179 12.67 -1.38 0.70
CA LEU B 179 12.67 0.01 0.17
C LEU B 179 12.59 1.00 1.29
N PHE B 180 12.10 0.57 2.43
CA PHE B 180 11.79 1.51 3.50
C PHE B 180 12.67 1.28 4.72
N ALA B 181 13.25 0.11 4.85
CA ALA B 181 14.08 -0.20 6.07
C ALA B 181 15.41 0.55 6.03
N GLU B 182 15.91 0.85 7.21
CA GLU B 182 17.22 1.42 7.39
C GLU B 182 17.87 0.76 8.58
N ASN B 183 19.12 0.25 8.41
CA ASN B 183 19.85 -0.39 9.53
C ASN B 183 19.06 -1.59 10.03
N GLY B 184 18.25 -2.21 9.17
CA GLY B 184 17.52 -3.39 9.66
C GLY B 184 16.23 -3.07 10.40
N ASN B 185 15.89 -1.76 10.52
CA ASN B 185 14.67 -1.33 11.27
C ASN B 185 13.73 -0.65 10.29
N LEU B 186 12.49 -0.49 10.68
CA LEU B 186 11.49 0.14 9.78
C LEU B 186 10.78 1.22 10.57
N GLY B 187 10.85 2.46 10.11
CA GLY B 187 10.12 3.53 10.74
C GLY B 187 8.74 3.62 10.10
N ILE B 188 7.72 3.66 10.92
CA ILE B 188 6.36 3.86 10.40
C ILE B 188 5.86 5.17 10.98
N ASN B 189 5.46 6.09 10.09
N ASN B 189 5.46 6.12 10.13
CA ASN B 189 4.89 7.33 10.57
CA ASN B 189 4.90 7.38 10.68
C ASN B 189 3.43 7.10 10.87
C ASN B 189 3.43 7.13 10.89
N VAL B 190 2.96 7.35 12.12
CA VAL B 190 1.54 7.13 12.45
C VAL B 190 0.99 8.50 12.84
N THR B 191 -0.05 8.91 12.10
CA THR B 191 -0.66 10.21 12.37
C THR B 191 -2.14 9.94 12.69
N ILE B 192 -2.62 10.40 13.85
N ILE B 192 -2.60 10.40 13.86
CA ILE B 192 -4.04 10.23 14.19
CA ILE B 192 -4.00 10.26 14.27
C ILE B 192 -4.65 11.61 14.12
C ILE B 192 -4.62 11.63 14.09
N SER B 193 -5.85 11.63 13.59
CA SER B 193 -6.56 12.91 13.40
C SER B 193 -8.02 12.68 13.73
N MET B 194 -8.72 13.80 13.93
CA MET B 194 -10.15 13.68 14.26
C MET B 194 -10.92 14.01 13.02
N CYS B 195 -11.93 13.20 12.72
CA CYS B 195 -12.78 13.42 11.55
C CYS B 195 -14.24 13.70 11.91
ZN ZN C . 25.01 6.45 -33.12
ZN ZN D . 3.91 -3.39 -29.71
S SO4 E . 17.92 5.99 -20.88
O1 SO4 E . 17.21 5.98 -19.70
O2 SO4 E . 16.83 5.91 -22.02
O3 SO4 E . 18.84 4.81 -20.92
O4 SO4 E . 18.69 7.16 -21.13
S SO4 F . 21.47 -2.18 -23.14
O1 SO4 F . 20.76 -2.27 -21.88
O2 SO4 F . 21.59 -0.82 -23.66
O3 SO4 F . 20.53 -2.87 -24.03
O4 SO4 F . 22.70 -2.92 -23.15
S SO4 G . -4.93 -4.30 -29.24
O1 SO4 G . -3.97 -4.91 -30.13
O2 SO4 G . -6.01 -5.16 -28.83
O3 SO4 G . -5.56 -3.16 -29.93
O4 SO4 G . -4.22 -3.70 -28.10
CL CL H . -17.12 -0.96 6.15
C1 GOL I . 9.57 -4.63 -18.77
O1 GOL I . 8.60 -3.75 -19.25
C2 GOL I . 10.68 -5.11 -19.69
O2 GOL I . 10.79 -4.16 -20.78
C3 GOL I . 11.99 -5.07 -18.89
O3 GOL I . 13.04 -6.11 -19.06
C1 GOL J . -16.63 1.82 -1.65
O1 GOL J . -17.02 2.63 -2.76
C2 GOL J . -15.57 0.77 -2.02
O2 GOL J . -16.11 -0.52 -2.37
C3 GOL J . -14.51 1.14 -3.10
O3 GOL J . -14.47 2.40 -3.81
C1 GOL K . -11.48 8.57 5.75
O1 GOL K . -11.43 9.10 4.43
C2 GOL K . -10.11 8.11 6.23
O2 GOL K . -10.39 7.30 7.40
C3 GOL K . -9.45 7.17 5.24
O3 GOL K . -9.35 7.79 3.98
C1 GOL L . -2.64 17.29 -4.02
O1 GOL L . -1.50 16.79 -3.27
C2 GOL L . -3.88 16.59 -3.48
O2 GOL L . -3.47 15.67 -2.44
C3 GOL L . -4.57 15.77 -4.57
O3 GOL L . -4.72 16.47 -5.81
C1 GOL M . 0.33 21.65 -16.24
O1 GOL M . -0.91 22.09 -15.59
C2 GOL M . -0.34 20.87 -17.37
O2 GOL M . -0.31 21.63 -18.55
C3 GOL M . 0.32 19.60 -17.57
O3 GOL M . 0.43 19.18 -18.93
C1 GOL N . -10.46 -7.07 -19.23
O1 GOL N . -11.17 -5.95 -18.68
C2 GOL N . -9.04 -6.67 -19.70
O2 GOL N . -8.11 -7.12 -18.70
C3 GOL N . -8.89 -5.16 -19.95
O3 GOL N . -7.53 -4.71 -20.31
CL CL O . -8.80 13.97 2.24
ZN ZN P . -25.46 -6.24 32.80
ZN ZN Q . -2.60 -9.12 28.56
S SO4 R . 21.28 -1.28 6.02
O1 SO4 R . 21.55 -2.34 7.07
O2 SO4 R . 19.92 -1.48 5.48
O3 SO4 R . 22.32 -1.49 4.98
O4 SO4 R . 21.22 0.14 6.48
S SO4 S . -18.18 -1.67 21.30
O1 SO4 S . -18.79 -3.03 21.18
O2 SO4 S . -19.22 -0.66 21.58
O3 SO4 S . -17.64 -1.35 19.98
O4 SO4 S . -17.13 -1.61 22.37
CL CL T . -20.59 -8.91 23.09
C1 GOL U . 7.87 10.02 -4.27
O1 GOL U . 7.65 9.91 -2.85
C2 GOL U . 9.09 10.88 -4.18
O2 GOL U . 9.22 11.45 -2.93
C3 GOL U . 9.08 11.91 -5.31
O3 GOL U . 10.33 12.47 -5.71
C1 GOL V . 14.70 5.35 4.54
O1 GOL V . 13.44 4.83 4.98
C2 GOL V . 15.37 4.40 3.55
O2 GOL V . 16.67 4.03 3.98
C3 GOL V . 15.63 5.15 2.24
O3 GOL V . 15.71 4.12 1.28
C1 GOL W . -7.96 -10.02 19.29
O1 GOL W . -8.94 -10.58 18.36
C2 GOL W . -7.22 -9.00 18.44
O2 GOL W . -7.95 -9.41 17.33
C3 GOL W . -5.70 -9.26 18.33
O3 GOL W . -4.95 -8.22 19.05
C1 GOL X . -14.28 10.99 20.04
O1 GOL X . -14.52 9.56 20.20
C2 GOL X . -14.08 11.82 21.30
O2 GOL X . -14.67 13.14 21.09
C3 GOL X . -14.74 11.29 22.58
O3 GOL X . -15.77 10.34 22.33
C1 GOL Y . 4.21 -7.60 26.38
O1 GOL Y . 3.64 -8.86 26.01
C2 GOL Y . 5.41 -7.78 27.31
O2 GOL Y . 5.63 -6.57 28.06
C3 GOL Y . 5.26 -8.80 28.41
O3 GOL Y . 6.19 -8.39 29.43
C1 GOL Z . -41.96 -10.37 29.87
O1 GOL Z . -43.10 -9.91 30.61
C2 GOL Z . -41.62 -11.81 30.24
O2 GOL Z . -42.80 -12.57 29.96
C3 GOL Z . -40.48 -12.40 29.41
O3 GOL Z . -39.18 -11.93 29.77
#